data_5YDB
#
_entry.id   5YDB
#
_cell.length_a   139.117
_cell.length_b   139.117
_cell.length_c   79.587
_cell.angle_alpha   90.00
_cell.angle_beta   90.00
_cell.angle_gamma   120.00
#
_symmetry.space_group_name_H-M   'H 3'
#
loop_
_entity.id
_entity.type
_entity.pdbx_description
1 polymer '3-dehydroquinate dehydratase'
2 non-polymer 'SODIUM ION'
3 non-polymer '1,3,4-TRIHYDROXY-5-OXO-CYCLOHEXANECARBOXYLIC ACID'
4 water water
#
_entity_poly.entity_id   1
_entity_poly.type   'polypeptide(L)'
_entity_poly.pdbx_seq_one_letter_code
;STILVIHGPNLNLLGKREPEVYGHLTLDNINRQLIAQAEQASITLDTFQSNWEGAIVDRIHQAQTEGVKLIIINPAALTH
TSVALRDALLGVAIPFIEVHLSNVHAREAFRHHSYLSDKAIGVICGLGAKGYSFALDYAIEKIQPSNP
;
_entity_poly.pdbx_strand_id   A,B,C,D
#
loop_
_chem_comp.id
_chem_comp.type
_chem_comp.name
_chem_comp.formula
DQA non-polymer '1,3,4-TRIHYDROXY-5-OXO-CYCLOHEXANECARBOXYLIC ACID' 'C7 H10 O6'
NA non-polymer 'SODIUM ION' 'Na 1'
#
# COMPACT_ATOMS: atom_id res chain seq x y z
N SER A 1 -17.55 -15.72 38.94
CA SER A 1 -17.31 -16.01 37.50
C SER A 1 -18.13 -15.08 36.61
N THR A 2 -18.06 -13.75 36.85
CA THR A 2 -18.81 -12.76 36.06
C THR A 2 -18.12 -12.60 34.63
N ILE A 3 -16.79 -12.49 34.57
CA ILE A 3 -16.03 -12.40 33.29
C ILE A 3 -14.94 -13.45 33.18
N LEU A 4 -14.84 -14.12 32.02
CA LEU A 4 -13.88 -15.18 31.76
C LEU A 4 -12.96 -14.71 30.62
N VAL A 5 -11.65 -14.74 30.88
CA VAL A 5 -10.67 -14.45 29.89
C VAL A 5 -10.07 -15.81 29.45
N ILE A 6 -10.10 -16.09 28.15
CA ILE A 6 -9.51 -17.27 27.59
C ILE A 6 -8.35 -16.95 26.65
N HIS A 7 -7.22 -17.60 26.88
CA HIS A 7 -6.05 -17.54 26.11
C HIS A 7 -5.85 -18.92 25.40
N GLY A 8 -5.76 -18.88 24.07
CA GLY A 8 -5.49 -20.00 23.24
C GLY A 8 -4.03 -20.61 23.30
N PRO A 9 -3.75 -21.51 22.34
CA PRO A 9 -2.53 -22.24 22.31
C PRO A 9 -1.31 -21.32 22.17
N ASN A 10 -0.23 -21.74 22.81
CA ASN A 10 1.10 -21.11 22.68
C ASN A 10 1.23 -19.85 23.46
N LEU A 11 0.10 -19.35 24.05
CA LEU A 11 0.25 -18.08 24.75
C LEU A 11 0.94 -18.28 26.08
N ASN A 12 0.95 -19.53 26.57
CA ASN A 12 1.82 -19.90 27.74
C ASN A 12 3.31 -19.59 27.48
N LEU A 13 3.72 -19.46 26.25
CA LEU A 13 5.11 -19.13 25.96
C LEU A 13 5.49 -17.69 26.12
N LEU A 14 4.54 -16.80 26.38
CA LEU A 14 4.89 -15.33 26.40
C LEU A 14 6.03 -15.04 27.38
N GLY A 15 6.98 -14.22 26.95
CA GLY A 15 8.08 -13.71 27.82
C GLY A 15 9.02 -14.81 28.25
N LYS A 16 9.10 -15.86 27.41
CA LYS A 16 9.91 -17.02 27.61
C LYS A 16 10.99 -16.97 26.53
N ARG A 17 10.55 -17.33 25.33
CA ARG A 17 11.35 -17.36 24.11
C ARG A 17 12.24 -16.15 23.93
N GLU A 18 13.42 -16.14 24.57
CA GLU A 18 14.41 -15.05 24.39
C GLU A 18 13.89 -13.63 24.62
N PRO A 19 14.19 -13.11 25.78
CA PRO A 19 13.67 -11.83 26.20
C PRO A 19 14.63 -10.64 26.07
N GLU A 20 15.39 -10.57 24.98
CA GLU A 20 16.39 -9.54 24.89
C GLU A 20 15.76 -8.22 24.37
N VAL A 21 15.24 -8.26 23.13
CA VAL A 21 14.57 -7.12 22.50
C VAL A 21 13.05 -7.31 22.51
N TYR A 22 12.35 -6.23 22.17
CA TYR A 22 10.89 -6.15 22.11
C TYR A 22 10.16 -6.41 23.46
N GLY A 23 9.20 -7.36 23.55
CA GLY A 23 8.52 -7.71 24.81
C GLY A 23 8.95 -8.88 25.74
N HIS A 24 8.98 -8.54 27.04
CA HIS A 24 9.27 -9.44 28.23
C HIS A 24 8.10 -9.92 29.23
N LEU A 25 6.84 -9.46 29.10
CA LEU A 25 5.80 -9.84 30.05
C LEU A 25 5.25 -11.24 29.72
N THR A 26 4.87 -11.99 30.75
CA THR A 26 4.43 -13.38 30.67
C THR A 26 2.87 -13.40 30.72
N LEU A 27 2.32 -14.56 30.37
CA LEU A 27 0.90 -14.71 30.55
C LEU A 27 0.46 -14.51 31.95
N ASP A 28 1.26 -15.02 32.90
CA ASP A 28 1.03 -14.79 34.31
C ASP A 28 0.95 -13.26 34.63
N ASN A 29 1.90 -12.48 34.17
CA ASN A 29 1.85 -11.01 34.39
C ASN A 29 0.54 -10.39 33.81
N ILE A 30 0.14 -10.84 32.62
CA ILE A 30 -1.08 -10.34 32.05
C ILE A 30 -2.29 -10.66 32.92
N ASN A 31 -2.37 -11.90 33.43
CA ASN A 31 -3.45 -12.36 34.22
C ASN A 31 -3.62 -11.55 35.54
N ARG A 32 -2.52 -11.25 36.20
CA ARG A 32 -2.56 -10.53 37.48
C ARG A 32 -3.05 -9.09 37.31
N GLN A 33 -2.67 -8.47 36.21
CA GLN A 33 -3.03 -7.14 35.86
C GLN A 33 -4.52 -7.13 35.57
N LEU A 34 -5.01 -8.14 34.85
CA LEU A 34 -6.47 -8.26 34.61
C LEU A 34 -7.28 -8.53 35.92
N ILE A 35 -6.81 -9.45 36.76
CA ILE A 35 -7.53 -9.74 38.00
C ILE A 35 -7.60 -8.46 38.92
N ALA A 36 -6.55 -7.68 38.94
CA ALA A 36 -6.47 -6.48 39.79
C ALA A 36 -7.36 -5.42 39.22
N GLN A 37 -7.38 -5.27 37.89
CA GLN A 37 -8.35 -4.39 37.25
C GLN A 37 -9.85 -4.76 37.49
N ALA A 38 -10.17 -6.06 37.39
CA ALA A 38 -11.51 -6.59 37.71
C ALA A 38 -11.82 -6.39 39.21
N GLU A 39 -10.88 -6.66 40.12
CA GLU A 39 -11.12 -6.37 41.56
C GLU A 39 -11.56 -4.91 41.74
N GLN A 40 -10.89 -4.01 41.07
CA GLN A 40 -11.23 -2.60 41.28
C GLN A 40 -12.66 -2.30 40.91
N ALA A 41 -13.13 -3.01 39.91
CA ALA A 41 -14.51 -2.82 39.44
C ALA A 41 -15.53 -3.69 40.14
N SER A 42 -15.12 -4.46 41.10
CA SER A 42 -16.04 -5.36 41.79
C SER A 42 -16.61 -6.53 40.97
N ILE A 43 -15.84 -6.96 39.95
CA ILE A 43 -16.20 -8.03 39.02
C ILE A 43 -15.33 -9.24 39.37
N THR A 44 -15.88 -10.42 39.27
CA THR A 44 -15.08 -11.60 39.51
C THR A 44 -14.51 -12.04 38.13
N LEU A 45 -13.22 -12.17 38.04
CA LEU A 45 -12.53 -12.52 36.75
C LEU A 45 -11.93 -13.90 36.82
N ASP A 46 -12.37 -14.80 35.92
CA ASP A 46 -11.79 -16.12 35.73
C ASP A 46 -10.84 -16.09 34.53
N THR A 47 -9.74 -16.85 34.55
CA THR A 47 -8.80 -16.94 33.44
C THR A 47 -8.49 -18.42 33.13
N PHE A 48 -8.14 -18.70 31.86
CA PHE A 48 -7.93 -20.04 31.48
C PHE A 48 -7.03 -19.94 30.27
N GLN A 49 -6.03 -20.81 30.20
CA GLN A 49 -5.17 -21.00 29.03
C GLN A 49 -4.94 -22.47 28.71
N SER A 50 -5.13 -22.90 27.47
CA SER A 50 -4.77 -24.26 27.11
C SER A 50 -4.26 -24.29 25.66
N ASN A 51 -3.48 -25.32 25.39
CA ASN A 51 -3.07 -25.66 24.02
C ASN A 51 -4.01 -26.61 23.35
N TRP A 52 -5.00 -27.09 24.08
CA TRP A 52 -5.92 -28.07 23.57
C TRP A 52 -7.31 -27.46 23.30
N GLU A 53 -7.79 -27.55 22.06
CA GLU A 53 -9.02 -26.97 21.63
C GLU A 53 -10.15 -27.51 22.41
N GLY A 54 -10.18 -28.82 22.70
CA GLY A 54 -11.28 -29.38 23.42
C GLY A 54 -11.37 -28.86 24.85
N ALA A 55 -10.23 -28.62 25.52
CA ALA A 55 -10.26 -28.03 26.84
C ALA A 55 -10.89 -26.64 26.83
N ILE A 56 -10.64 -25.87 25.74
CA ILE A 56 -11.22 -24.56 25.64
C ILE A 56 -12.73 -24.67 25.42
N VAL A 57 -13.12 -25.53 24.52
CA VAL A 57 -14.55 -25.77 24.31
C VAL A 57 -15.26 -26.15 25.66
N ASP A 58 -14.68 -27.09 26.42
CA ASP A 58 -15.21 -27.55 27.72
C ASP A 58 -15.34 -26.40 28.70
N ARG A 59 -14.32 -25.50 28.74
CA ARG A 59 -14.36 -24.37 29.63
C ARG A 59 -15.46 -23.36 29.31
N ILE A 60 -15.72 -23.20 28.03
CA ILE A 60 -16.78 -22.35 27.57
C ILE A 60 -18.17 -22.93 27.91
N HIS A 61 -18.35 -24.24 27.72
CA HIS A 61 -19.62 -24.89 28.18
C HIS A 61 -19.80 -24.69 29.69
N GLN A 62 -18.71 -24.86 30.42
CA GLN A 62 -18.70 -24.57 31.86
C GLN A 62 -19.00 -23.11 32.22
N ALA A 63 -18.50 -22.16 31.42
CA ALA A 63 -18.87 -20.78 31.64
C ALA A 63 -20.40 -20.56 31.67
N GLN A 64 -21.11 -21.23 30.77
CA GLN A 64 -22.61 -21.08 30.72
C GLN A 64 -23.19 -21.55 32.07
N THR A 65 -22.69 -22.65 32.56
CA THR A 65 -23.28 -23.24 33.78
C THR A 65 -22.95 -22.34 34.98
N GLU A 66 -21.80 -21.67 34.95
CA GLU A 66 -21.40 -20.71 35.97
C GLU A 66 -22.07 -19.33 35.81
N GLY A 67 -22.86 -19.12 34.75
CA GLY A 67 -23.49 -17.82 34.48
C GLY A 67 -22.52 -16.69 34.22
N VAL A 68 -21.38 -17.01 33.58
CA VAL A 68 -20.48 -15.96 33.02
C VAL A 68 -21.25 -15.01 32.11
N LYS A 69 -20.99 -13.73 32.19
CA LYS A 69 -21.70 -12.76 31.39
C LYS A 69 -21.03 -12.31 30.07
N LEU A 70 -19.70 -12.46 30.02
CA LEU A 70 -19.01 -12.06 28.91
C LEU A 70 -17.66 -12.74 28.84
N ILE A 71 -17.21 -13.05 27.63
CA ILE A 71 -15.87 -13.69 27.46
C ILE A 71 -14.95 -12.75 26.67
N ILE A 72 -13.68 -12.63 27.09
CA ILE A 72 -12.62 -11.99 26.40
C ILE A 72 -11.74 -13.09 26.01
N ILE A 73 -11.54 -13.26 24.72
CA ILE A 73 -10.79 -14.44 24.22
C ILE A 73 -9.71 -14.00 23.23
N ASN A 74 -8.48 -14.49 23.43
CA ASN A 74 -7.40 -14.44 22.50
C ASN A 74 -7.28 -15.89 22.01
N PRO A 75 -7.98 -16.22 20.94
CA PRO A 75 -7.98 -17.62 20.47
C PRO A 75 -6.61 -18.02 19.88
N ALA A 76 -5.69 -17.04 19.63
CA ALA A 76 -4.40 -17.31 19.13
C ALA A 76 -4.61 -18.11 17.79
N ALA A 77 -3.88 -19.20 17.56
CA ALA A 77 -3.97 -19.86 16.28
C ALA A 77 -5.36 -20.40 15.96
N LEU A 78 -6.16 -20.66 16.98
CA LEU A 78 -7.45 -21.22 16.73
C LEU A 78 -8.36 -20.29 16.09
N THR A 79 -8.07 -18.97 16.10
CA THR A 79 -8.94 -18.05 15.44
C THR A 79 -9.12 -18.45 13.91
N HIS A 80 -8.08 -19.02 13.32
CA HIS A 80 -8.07 -19.20 11.89
C HIS A 80 -8.57 -20.56 11.51
N THR A 81 -8.71 -21.46 12.46
CA THR A 81 -8.99 -22.83 12.18
C THR A 81 -10.25 -23.39 12.83
N SER A 82 -10.76 -22.85 13.93
CA SER A 82 -11.66 -23.69 14.74
C SER A 82 -13.13 -23.20 14.61
N VAL A 83 -13.88 -23.92 13.82
CA VAL A 83 -15.33 -23.77 13.81
C VAL A 83 -15.88 -24.21 15.15
N ALA A 84 -15.19 -25.12 15.84
CA ALA A 84 -15.71 -25.71 17.07
C ALA A 84 -15.77 -24.69 18.16
N LEU A 85 -14.78 -23.81 18.25
CA LEU A 85 -14.85 -22.67 19.16
C LEU A 85 -16.04 -21.66 18.86
N ARG A 86 -16.21 -21.39 17.59
CA ARG A 86 -17.24 -20.52 17.15
C ARG A 86 -18.55 -21.09 17.63
N ASP A 87 -18.74 -22.36 17.31
CA ASP A 87 -19.96 -23.07 17.80
C ASP A 87 -20.19 -23.14 19.29
N ALA A 88 -19.13 -23.24 20.06
CA ALA A 88 -19.28 -23.24 21.51
C ALA A 88 -19.78 -21.92 22.06
N LEU A 89 -19.13 -20.83 21.60
CA LEU A 89 -19.51 -19.47 21.90
C LEU A 89 -20.88 -19.08 21.44
N LEU A 90 -21.25 -19.45 20.24
CA LEU A 90 -22.66 -19.24 19.86
C LEU A 90 -23.63 -20.14 20.60
N GLY A 91 -23.20 -21.35 20.91
CA GLY A 91 -24.09 -22.27 21.56
C GLY A 91 -24.41 -21.90 22.96
N VAL A 92 -23.46 -21.25 23.65
CA VAL A 92 -23.71 -20.84 25.01
C VAL A 92 -24.29 -19.41 25.00
N ALA A 93 -24.14 -18.69 23.91
CA ALA A 93 -24.66 -17.36 23.71
C ALA A 93 -24.15 -16.41 24.80
N ILE A 94 -22.86 -16.53 25.14
CA ILE A 94 -22.17 -15.56 25.91
C ILE A 94 -21.51 -14.60 24.98
N PRO A 95 -21.83 -13.29 25.11
CA PRO A 95 -21.12 -12.34 24.22
C PRO A 95 -19.57 -12.35 24.45
N PHE A 96 -18.78 -12.10 23.39
CA PHE A 96 -17.35 -12.07 23.57
C PHE A 96 -16.69 -10.96 22.84
N ILE A 97 -15.49 -10.63 23.31
CA ILE A 97 -14.61 -9.75 22.58
C ILE A 97 -13.35 -10.54 22.20
N GLU A 98 -12.87 -10.35 20.99
CA GLU A 98 -11.64 -11.03 20.49
C GLU A 98 -10.45 -10.14 20.58
N VAL A 99 -9.31 -10.62 21.13
CA VAL A 99 -8.13 -9.85 21.29
C VAL A 99 -6.91 -10.58 20.70
N HIS A 100 -6.10 -9.91 19.90
CA HIS A 100 -4.80 -10.48 19.46
C HIS A 100 -3.67 -9.54 19.87
N LEU A 101 -2.57 -10.08 20.33
CA LEU A 101 -1.47 -9.29 20.77
C LEU A 101 -0.83 -8.60 19.62
N SER A 102 -0.71 -9.36 18.54
CA SER A 102 -0.03 -8.86 17.34
C SER A 102 -1.01 -8.30 16.33
N ASN A 103 -0.54 -7.41 15.44
CA ASN A 103 -1.37 -6.97 14.35
C ASN A 103 -1.44 -8.06 13.31
N VAL A 104 -2.51 -8.84 13.31
CA VAL A 104 -2.55 -10.00 12.39
C VAL A 104 -2.63 -9.59 10.92
N HIS A 105 -3.11 -8.35 10.65
CA HIS A 105 -3.10 -7.82 9.26
C HIS A 105 -1.77 -7.55 8.67
N ALA A 106 -0.76 -7.38 9.49
CA ALA A 106 0.58 -7.17 9.00
C ALA A 106 1.27 -8.51 8.77
N ARG A 107 0.62 -9.70 9.02
CA ARG A 107 1.34 -11.00 9.06
C ARG A 107 0.91 -11.81 7.84
N GLU A 108 1.05 -13.16 7.85
CA GLU A 108 0.73 -13.98 6.61
C GLU A 108 -0.75 -13.90 6.29
N ALA A 109 -1.10 -14.08 5.01
CA ALA A 109 -2.53 -13.94 4.57
C ALA A 109 -3.54 -14.84 5.27
N PHE A 110 -3.08 -15.99 5.80
CA PHE A 110 -3.99 -16.93 6.44
C PHE A 110 -4.44 -16.36 7.73
N ARG A 111 -3.63 -15.46 8.32
CA ARG A 111 -3.93 -14.85 9.60
C ARG A 111 -4.99 -13.70 9.55
N HIS A 112 -5.40 -13.34 8.38
CA HIS A 112 -6.44 -12.32 8.16
C HIS A 112 -7.86 -12.88 8.31
N HIS A 113 -8.07 -14.21 8.33
CA HIS A 113 -9.43 -14.74 8.45
C HIS A 113 -9.70 -15.41 9.79
N SER A 114 -10.90 -15.19 10.32
CA SER A 114 -11.26 -15.59 11.68
C SER A 114 -12.65 -16.26 11.59
N TYR A 115 -12.75 -17.43 12.22
CA TYR A 115 -14.02 -18.06 12.39
C TYR A 115 -14.81 -17.44 13.53
N LEU A 116 -14.20 -16.49 14.24
CA LEU A 116 -14.85 -15.81 15.35
C LEU A 116 -15.26 -14.38 15.08
N SER A 117 -14.52 -13.64 14.27
CA SER A 117 -14.63 -12.17 14.35
C SER A 117 -16.01 -11.59 14.02
N ASP A 118 -16.70 -12.20 13.05
CA ASP A 118 -17.99 -11.75 12.64
C ASP A 118 -19.04 -11.88 13.76
N LYS A 119 -18.80 -12.70 14.77
CA LYS A 119 -19.75 -12.88 15.89
C LYS A 119 -19.33 -12.18 17.15
N ALA A 120 -18.13 -11.56 17.10
CA ALA A 120 -17.58 -10.90 18.33
C ALA A 120 -18.34 -9.57 18.45
N ILE A 121 -18.48 -9.12 19.67
CA ILE A 121 -18.85 -7.69 19.83
C ILE A 121 -17.87 -6.78 19.11
N GLY A 122 -16.60 -7.02 19.33
CA GLY A 122 -15.57 -6.30 18.58
C GLY A 122 -14.22 -7.00 18.72
N VAL A 123 -13.22 -6.39 18.10
CA VAL A 123 -11.88 -7.02 18.01
C VAL A 123 -10.80 -5.94 18.27
N ILE A 124 -9.77 -6.27 19.04
CA ILE A 124 -8.68 -5.40 19.28
C ILE A 124 -7.43 -6.24 18.85
N CYS A 125 -6.66 -5.72 17.90
CA CYS A 125 -5.40 -6.34 17.59
C CYS A 125 -4.28 -5.39 17.50
N GLY A 126 -3.14 -5.87 17.94
CA GLY A 126 -1.86 -5.19 17.75
C GLY A 126 -1.46 -4.20 18.80
N LEU A 127 -2.19 -4.19 19.86
CA LEU A 127 -1.90 -3.25 20.96
C LEU A 127 -1.31 -3.99 22.13
N GLY A 128 -0.75 -5.18 21.84
CA GLY A 128 -0.10 -5.93 22.93
C GLY A 128 -1.04 -6.32 24.06
N ALA A 129 -0.45 -6.46 25.24
CA ALA A 129 -1.19 -6.86 26.44
C ALA A 129 -2.25 -5.83 26.84
N LYS A 130 -2.05 -4.57 26.45
CA LYS A 130 -3.05 -3.52 26.70
C LYS A 130 -4.38 -3.80 26.04
N GLY A 131 -4.40 -4.57 24.99
CA GLY A 131 -5.64 -4.93 24.40
C GLY A 131 -6.61 -5.69 25.33
N TYR A 132 -6.07 -6.58 26.13
CA TYR A 132 -6.90 -7.31 27.01
C TYR A 132 -7.50 -6.34 28.07
N SER A 133 -6.72 -5.36 28.51
CA SER A 133 -7.22 -4.42 29.51
C SER A 133 -8.34 -3.57 28.99
N PHE A 134 -8.20 -3.10 27.75
CA PHE A 134 -9.23 -2.40 27.02
C PHE A 134 -10.50 -3.21 26.85
N ALA A 135 -10.35 -4.46 26.42
CA ALA A 135 -11.51 -5.35 26.33
C ALA A 135 -12.30 -5.48 27.71
N LEU A 136 -11.53 -5.66 28.77
CA LEU A 136 -12.03 -5.74 30.10
C LEU A 136 -12.79 -4.47 30.56
N ASP A 137 -12.20 -3.32 30.30
CA ASP A 137 -12.83 -2.01 30.56
C ASP A 137 -14.15 -1.88 29.85
N TYR A 138 -14.15 -2.18 28.54
CA TYR A 138 -15.39 -2.25 27.84
C TYR A 138 -16.37 -3.27 28.42
N ALA A 139 -15.91 -4.43 28.81
CA ALA A 139 -16.82 -5.47 29.31
C ALA A 139 -17.43 -5.12 30.66
N ILE A 140 -16.60 -4.58 31.50
CA ILE A 140 -17.01 -4.08 32.83
C ILE A 140 -18.15 -3.11 32.65
N GLU A 141 -17.89 -2.09 31.87
CA GLU A 141 -18.85 -1.08 31.62
C GLU A 141 -20.15 -1.63 30.96
N LYS A 142 -20.06 -2.68 30.18
CA LYS A 142 -21.25 -3.23 29.50
C LYS A 142 -22.28 -3.77 30.53
N ILE A 143 -21.78 -4.53 31.50
CA ILE A 143 -22.60 -4.89 32.70
C ILE A 143 -23.07 -3.72 33.62
N GLN A 144 -22.25 -2.69 33.81
CA GLN A 144 -22.41 -1.79 34.93
C GLN A 144 -22.35 -0.31 34.58
N PRO A 145 -23.41 0.42 34.98
CA PRO A 145 -23.34 1.90 35.13
C PRO A 145 -22.49 2.38 36.33
N SER B 1 0.44 20.32 18.26
CA SER B 1 -0.26 19.13 18.93
C SER B 1 0.53 17.81 18.76
N THR B 2 0.51 16.96 19.77
CA THR B 2 1.33 15.76 19.80
C THR B 2 0.55 14.56 19.13
N ILE B 3 -0.79 14.57 19.28
CA ILE B 3 -1.66 13.52 18.70
C ILE B 3 -2.72 14.23 17.85
N LEU B 4 -3.04 13.66 16.70
CA LEU B 4 -4.07 14.06 15.80
C LEU B 4 -5.04 12.88 15.62
N VAL B 5 -6.32 13.17 15.87
CA VAL B 5 -7.40 12.27 15.63
C VAL B 5 -8.01 12.65 14.33
N ILE B 6 -8.08 11.71 13.37
CA ILE B 6 -8.73 12.00 12.06
C ILE B 6 -10.00 11.13 11.89
N HIS B 7 -11.09 11.75 11.48
CA HIS B 7 -12.35 11.07 11.15
C HIS B 7 -12.73 11.29 9.67
N GLY B 8 -13.09 10.21 8.99
CA GLY B 8 -13.28 10.16 7.61
C GLY B 8 -14.70 10.49 7.25
N PRO B 9 -15.06 10.23 6.02
CA PRO B 9 -16.34 10.71 5.50
C PRO B 9 -17.54 10.18 6.28
N ASN B 10 -18.64 10.97 6.32
CA ASN B 10 -19.90 10.60 6.98
C ASN B 10 -19.93 10.53 8.43
N LEU B 11 -18.80 10.60 9.11
CA LEU B 11 -18.83 10.50 10.58
C LEU B 11 -19.40 11.74 11.27
N ASN B 12 -19.47 12.80 10.51
CA ASN B 12 -20.16 14.08 10.89
C ASN B 12 -21.64 13.83 11.08
N LEU B 13 -22.18 12.72 10.58
CA LEU B 13 -23.59 12.38 10.77
C LEU B 13 -23.94 11.68 12.05
N LEU B 14 -22.94 11.32 12.88
CA LEU B 14 -23.19 10.58 14.05
C LEU B 14 -24.18 11.31 14.92
N GLY B 15 -25.23 10.61 15.31
CA GLY B 15 -26.29 11.19 16.12
C GLY B 15 -27.24 12.07 15.36
N LYS B 16 -26.70 12.74 14.36
CA LYS B 16 -27.48 13.54 13.48
C LYS B 16 -28.30 12.59 12.62
N ARG B 17 -27.65 11.54 12.16
CA ARG B 17 -28.20 10.53 11.24
C ARG B 17 -29.05 9.44 11.90
N GLU B 18 -30.35 9.46 11.63
CA GLU B 18 -31.25 8.42 12.15
C GLU B 18 -31.15 8.11 13.67
N PRO B 19 -31.37 9.12 14.52
CA PRO B 19 -31.23 8.90 15.96
C PRO B 19 -32.40 8.13 16.50
N GLU B 20 -32.08 7.07 17.27
CA GLU B 20 -32.95 6.05 17.91
C GLU B 20 -33.48 4.95 16.95
N VAL B 21 -33.17 5.11 15.68
CA VAL B 21 -33.37 4.13 14.64
C VAL B 21 -31.96 3.77 14.21
N TYR B 22 -31.00 4.56 14.68
CA TYR B 22 -29.59 4.37 14.42
C TYR B 22 -28.76 5.59 14.79
N GLY B 23 -28.94 6.08 16.02
CA GLY B 23 -28.19 7.23 16.50
C GLY B 23 -28.24 7.40 18.02
N HIS B 24 -27.48 8.36 18.48
CA HIS B 24 -27.48 8.78 19.88
C HIS B 24 -26.36 9.83 20.26
N LEU B 25 -25.06 9.47 20.24
CA LEU B 25 -23.98 10.46 20.49
C LEU B 25 -23.46 11.04 19.15
N THR B 26 -22.72 12.14 19.21
CA THR B 26 -22.23 12.81 18.02
C THR B 26 -20.67 12.97 17.97
N LEU B 27 -20.22 13.33 16.79
CA LEU B 27 -18.81 13.52 16.60
C LEU B 27 -18.22 14.55 17.55
N ASP B 28 -18.91 15.70 17.60
CA ASP B 28 -18.53 16.74 18.50
C ASP B 28 -18.44 16.23 19.97
N ASN B 29 -19.37 15.44 20.42
CA ASN B 29 -19.23 14.75 21.77
C ASN B 29 -17.98 13.85 21.96
N ILE B 30 -17.71 13.03 20.94
CA ILE B 30 -16.48 12.24 20.91
C ILE B 30 -15.28 13.11 20.92
N ASN B 31 -15.28 14.17 20.15
CA ASN B 31 -14.06 15.00 20.11
C ASN B 31 -13.71 15.68 21.48
N ARG B 32 -14.77 16.12 22.15
CA ARG B 32 -14.61 16.76 23.46
C ARG B 32 -14.02 15.85 24.53
N GLN B 33 -14.45 14.58 24.54
CA GLN B 33 -13.99 13.57 25.43
C GLN B 33 -12.56 13.23 25.22
N LEU B 34 -12.13 13.12 23.97
CA LEU B 34 -10.77 12.85 23.69
C LEU B 34 -9.84 14.00 24.04
N ILE B 35 -10.26 15.22 23.76
CA ILE B 35 -9.37 16.37 24.09
C ILE B 35 -9.17 16.46 25.59
N ALA B 36 -10.29 16.28 26.31
CA ALA B 36 -10.31 16.23 27.82
C ALA B 36 -9.40 15.10 28.34
N GLN B 37 -9.49 13.92 27.71
CA GLN B 37 -8.67 12.83 28.12
C GLN B 37 -7.20 13.17 27.96
N ALA B 38 -6.86 13.79 26.84
CA ALA B 38 -5.50 14.04 26.51
C ALA B 38 -5.03 15.23 27.41
N GLU B 39 -5.88 16.24 27.59
CA GLU B 39 -5.70 17.30 28.63
C GLU B 39 -5.40 16.74 30.04
N GLN B 40 -6.12 15.73 30.54
CA GLN B 40 -5.72 15.10 31.80
C GLN B 40 -4.30 14.61 31.82
N ALA B 41 -3.74 14.20 30.67
CA ALA B 41 -2.37 13.61 30.62
C ALA B 41 -1.28 14.56 30.20
N SER B 42 -1.59 15.87 30.21
CA SER B 42 -0.71 16.94 29.74
C SER B 42 -0.30 16.73 28.32
N ILE B 43 -1.29 16.41 27.46
CA ILE B 43 -1.00 16.23 26.03
C ILE B 43 -1.99 16.99 25.14
N THR B 44 -1.44 17.69 24.15
CA THR B 44 -2.24 18.46 23.24
C THR B 44 -2.76 17.49 22.13
N LEU B 45 -4.03 17.64 21.77
CA LEU B 45 -4.66 16.73 20.80
C LEU B 45 -5.47 17.56 19.85
N ASP B 46 -5.19 17.41 18.59
CA ASP B 46 -6.07 17.93 17.60
C ASP B 46 -7.00 16.91 16.99
N THR B 47 -8.04 17.41 16.33
CA THR B 47 -9.09 16.56 15.67
C THR B 47 -9.43 17.15 14.31
N PHE B 48 -9.96 16.30 13.39
CA PHE B 48 -10.25 16.78 12.08
C PHE B 48 -11.17 15.83 11.45
N GLN B 49 -12.21 16.34 10.81
CA GLN B 49 -12.99 15.48 9.96
C GLN B 49 -13.29 16.05 8.64
N SER B 50 -13.43 15.18 7.63
CA SER B 50 -13.83 15.63 6.32
C SER B 50 -14.41 14.53 5.45
N ASN B 51 -15.30 14.91 4.59
CA ASN B 51 -15.81 14.06 3.62
C ASN B 51 -15.01 14.03 2.39
N TRP B 52 -13.96 14.86 2.32
CA TRP B 52 -13.13 14.93 1.16
C TRP B 52 -11.78 14.30 1.42
N GLU B 53 -11.45 13.31 0.58
CA GLU B 53 -10.22 12.57 0.70
C GLU B 53 -8.97 13.46 0.64
N GLY B 54 -8.93 14.38 -0.34
CA GLY B 54 -7.80 15.35 -0.43
C GLY B 54 -7.59 16.18 0.81
N ALA B 55 -8.69 16.62 1.49
CA ALA B 55 -8.55 17.39 2.76
C ALA B 55 -7.84 16.62 3.81
N ILE B 56 -8.11 15.29 3.86
CA ILE B 56 -7.51 14.45 4.81
C ILE B 56 -6.03 14.22 4.50
N VAL B 57 -5.75 13.89 3.27
CA VAL B 57 -4.39 13.77 2.83
C VAL B 57 -3.54 15.06 3.17
N ASP B 58 -4.15 16.19 2.90
CA ASP B 58 -3.52 17.49 3.10
C ASP B 58 -3.22 17.61 4.59
N ARG B 59 -4.21 17.23 5.41
CA ARG B 59 -4.10 17.33 6.87
C ARG B 59 -3.03 16.52 7.44
N ILE B 60 -2.85 15.33 6.87
CA ILE B 60 -1.76 14.40 7.21
C ILE B 60 -0.42 15.00 6.83
N HIS B 61 -0.36 15.60 5.65
CA HIS B 61 0.87 16.33 5.26
C HIS B 61 1.21 17.42 6.27
N GLN B 62 0.21 18.11 6.76
CA GLN B 62 0.48 19.23 7.71
C GLN B 62 0.95 18.71 9.05
N ALA B 63 0.53 17.51 9.42
CA ALA B 63 0.91 16.89 10.62
C ALA B 63 2.39 16.64 10.65
N GLN B 64 2.97 16.26 9.51
CA GLN B 64 4.44 16.01 9.52
C GLN B 64 5.13 17.28 10.01
N THR B 65 4.67 18.41 9.50
CA THR B 65 5.36 19.68 9.70
C THR B 65 5.10 20.17 11.10
N GLU B 66 4.03 19.75 11.73
CA GLU B 66 3.73 20.17 13.09
C GLU B 66 4.39 19.24 14.11
N GLY B 67 5.13 18.24 13.66
CA GLY B 67 5.68 17.25 14.63
C GLY B 67 4.61 16.42 15.41
N VAL B 68 3.42 16.18 14.85
CA VAL B 68 2.48 15.13 15.42
C VAL B 68 3.27 13.85 15.53
N LYS B 69 3.18 13.23 16.70
CA LYS B 69 3.90 12.00 17.03
C LYS B 69 3.05 10.76 16.71
N LEU B 70 1.71 10.92 16.68
CA LEU B 70 0.86 9.71 16.44
C LEU B 70 -0.45 10.12 15.93
N ILE B 71 -0.98 9.36 14.98
CA ILE B 71 -2.32 9.64 14.48
C ILE B 71 -3.29 8.48 14.88
N ILE B 72 -4.45 8.90 15.38
CA ILE B 72 -5.52 8.02 15.59
C ILE B 72 -6.58 8.31 14.48
N ILE B 73 -6.82 7.34 13.61
CA ILE B 73 -7.66 7.58 12.41
C ILE B 73 -8.84 6.58 12.32
N ASN B 74 -10.04 7.11 12.04
CA ASN B 74 -11.21 6.36 11.61
C ASN B 74 -11.44 6.78 10.19
N PRO B 75 -10.85 6.00 9.28
CA PRO B 75 -10.93 6.43 7.89
C PRO B 75 -12.33 6.15 7.32
N ALA B 76 -13.20 5.43 8.10
CA ALA B 76 -14.60 5.25 7.65
C ALA B 76 -14.51 4.56 6.24
N ALA B 77 -15.28 4.98 5.26
CA ALA B 77 -15.34 4.32 3.94
C ALA B 77 -14.00 4.23 3.22
N LEU B 78 -13.15 5.23 3.46
CA LEU B 78 -11.84 5.34 2.86
C LEU B 78 -10.92 4.20 3.22
N THR B 79 -11.22 3.49 4.31
CA THR B 79 -10.54 2.32 4.74
C THR B 79 -10.41 1.31 3.54
N HIS B 80 -11.49 1.17 2.79
CA HIS B 80 -11.69 0.11 1.85
C HIS B 80 -11.22 0.51 0.48
N THR B 81 -10.98 1.79 0.23
CA THR B 81 -10.83 2.31 -1.10
C THR B 81 -9.52 3.11 -1.35
N SER B 82 -8.97 3.79 -0.36
CA SER B 82 -8.03 4.86 -0.65
C SER B 82 -6.59 4.35 -0.41
N VAL B 83 -5.92 4.07 -1.49
CA VAL B 83 -4.46 3.90 -1.42
C VAL B 83 -3.79 5.27 -1.14
N ALA B 84 -4.40 6.40 -1.53
CA ALA B 84 -3.83 7.75 -1.33
C ALA B 84 -3.64 7.99 0.13
N LEU B 85 -4.56 7.47 0.96
CA LEU B 85 -4.43 7.68 2.41
C LEU B 85 -3.23 6.90 3.00
N ARG B 86 -3.11 5.67 2.58
CA ARG B 86 -2.09 4.78 2.98
C ARG B 86 -0.73 5.46 2.68
N ASP B 87 -0.58 5.80 1.40
CA ASP B 87 0.68 6.41 1.01
C ASP B 87 0.95 7.79 1.69
N ALA B 88 -0.09 8.55 2.13
CA ALA B 88 0.09 9.73 2.96
C ALA B 88 0.67 9.45 4.30
N LEU B 89 0.08 8.48 5.02
CA LEU B 89 0.60 8.05 6.35
C LEU B 89 1.95 7.44 6.31
N LEU B 90 2.24 6.66 5.30
CA LEU B 90 3.64 6.08 5.14
C LEU B 90 4.62 7.15 4.68
N GLY B 91 4.17 8.04 3.83
CA GLY B 91 5.01 9.12 3.38
C GLY B 91 5.45 10.05 4.49
N VAL B 92 4.55 10.40 5.40
CA VAL B 92 4.92 11.22 6.56
C VAL B 92 5.58 10.38 7.74
N ALA B 93 5.46 9.04 7.66
CA ALA B 93 6.07 8.11 8.63
C ALA B 93 5.61 8.39 10.11
N ILE B 94 4.35 8.74 10.28
CA ILE B 94 3.86 8.97 11.61
C ILE B 94 3.09 7.66 11.93
N PRO B 95 3.38 7.04 13.09
CA PRO B 95 2.67 5.83 13.41
C PRO B 95 1.18 6.14 13.65
N PHE B 96 0.30 5.14 13.40
CA PHE B 96 -1.13 5.40 13.52
C PHE B 96 -1.85 4.15 14.07
N ILE B 97 -2.99 4.37 14.69
CA ILE B 97 -3.87 3.33 15.12
C ILE B 97 -5.17 3.59 14.35
N GLU B 98 -5.72 2.48 13.81
CA GLU B 98 -6.96 2.52 13.08
C GLU B 98 -8.12 2.17 13.99
N VAL B 99 -9.26 2.89 13.92
CA VAL B 99 -10.37 2.59 14.79
C VAL B 99 -11.57 2.59 13.95
N HIS B 100 -12.42 1.56 14.13
CA HIS B 100 -13.80 1.59 13.60
C HIS B 100 -14.87 1.45 14.68
N LEU B 101 -15.95 2.21 14.56
CA LEU B 101 -17.08 2.10 15.48
C LEU B 101 -17.78 0.79 15.48
N SER B 102 -18.04 0.31 14.29
CA SER B 102 -18.76 -0.92 14.05
C SER B 102 -17.80 -2.08 13.79
N ASN B 103 -18.29 -3.32 14.02
CA ASN B 103 -17.50 -4.54 13.82
C ASN B 103 -17.67 -4.80 12.32
N VAL B 104 -16.62 -4.38 11.60
CA VAL B 104 -16.54 -4.47 10.11
C VAL B 104 -16.65 -5.89 9.55
N HIS B 105 -16.11 -6.86 10.29
CA HIS B 105 -16.23 -8.24 9.92
C HIS B 105 -17.63 -8.83 9.99
N ALA B 106 -18.54 -8.25 10.77
CA ALA B 106 -19.97 -8.68 10.77
C ALA B 106 -20.79 -8.08 9.58
N ARG B 107 -20.19 -7.25 8.72
CA ARG B 107 -20.89 -6.51 7.67
C ARG B 107 -20.51 -7.14 6.34
N GLU B 108 -20.83 -6.44 5.25
CA GLU B 108 -20.59 -6.91 3.85
C GLU B 108 -19.09 -7.17 3.67
N ALA B 109 -18.79 -8.06 2.74
CA ALA B 109 -17.46 -8.59 2.51
C ALA B 109 -16.45 -7.51 2.15
N PHE B 110 -16.83 -6.56 1.28
CA PHE B 110 -15.96 -5.46 0.92
C PHE B 110 -15.48 -4.65 2.12
N ARG B 111 -16.21 -4.71 3.25
CA ARG B 111 -15.79 -3.99 4.46
C ARG B 111 -14.71 -4.68 5.27
N HIS B 112 -14.35 -5.90 4.84
CA HIS B 112 -13.34 -6.71 5.53
C HIS B 112 -11.93 -6.38 5.04
N HIS B 113 -11.80 -5.52 4.01
CA HIS B 113 -10.44 -5.21 3.51
C HIS B 113 -10.08 -3.74 3.75
N SER B 114 -8.85 -3.49 4.20
CA SER B 114 -8.32 -2.23 4.49
C SER B 114 -7.02 -2.02 3.76
N TYR B 115 -6.90 -0.80 3.23
CA TYR B 115 -5.63 -0.38 2.74
C TYR B 115 -4.73 0.21 3.83
N LEU B 116 -5.13 0.20 5.08
CA LEU B 116 -4.32 0.75 6.13
C LEU B 116 -3.93 -0.23 7.15
N SER B 117 -4.74 -1.28 7.38
CA SER B 117 -4.58 -2.10 8.62
C SER B 117 -3.22 -2.73 8.74
N ASP B 118 -2.64 -3.19 7.64
CA ASP B 118 -1.32 -3.82 7.69
C ASP B 118 -0.20 -2.88 8.13
N LYS B 119 -0.42 -1.56 8.02
CA LYS B 119 0.61 -0.56 8.33
C LYS B 119 0.40 0.16 9.65
N ALA B 120 -0.71 -0.17 10.30
CA ALA B 120 -1.10 0.42 11.62
C ALA B 120 -0.34 -0.30 12.72
N ILE B 121 -0.20 0.40 13.82
CA ILE B 121 0.20 -0.20 15.06
C ILE B 121 -0.76 -1.31 15.43
N GLY B 122 -2.04 -0.97 15.39
CA GLY B 122 -3.07 -1.94 15.70
C GLY B 122 -4.42 -1.38 15.25
N VAL B 123 -5.49 -2.14 15.46
CA VAL B 123 -6.76 -1.76 14.96
C VAL B 123 -7.78 -2.10 16.08
N ILE B 124 -8.81 -1.31 16.28
CA ILE B 124 -9.88 -1.62 17.24
C ILE B 124 -11.15 -1.43 16.46
N CYS B 125 -12.04 -2.42 16.41
CA CYS B 125 -13.31 -2.28 15.67
C CYS B 125 -14.39 -2.79 16.55
N GLY B 126 -15.50 -2.13 16.43
CA GLY B 126 -16.76 -2.68 17.03
C GLY B 126 -17.08 -2.21 18.48
N LEU B 127 -16.22 -1.39 19.08
CA LEU B 127 -16.39 -1.04 20.45
C LEU B 127 -16.94 0.40 20.57
N GLY B 128 -17.51 0.86 19.46
CA GLY B 128 -18.14 2.17 19.49
C GLY B 128 -17.09 3.26 19.73
N ALA B 129 -17.57 4.37 20.26
CA ALA B 129 -16.77 5.54 20.53
C ALA B 129 -15.67 5.25 21.50
N LYS B 130 -15.84 4.21 22.33
CA LYS B 130 -14.82 3.86 23.32
C LYS B 130 -13.54 3.39 22.62
N GLY B 131 -13.63 2.87 21.40
CA GLY B 131 -12.49 2.53 20.59
C GLY B 131 -11.50 3.69 20.46
N TYR B 132 -12.00 4.91 20.30
CA TYR B 132 -11.06 6.08 20.21
C TYR B 132 -10.32 6.34 21.54
N SER B 133 -11.05 6.17 22.64
CA SER B 133 -10.45 6.39 23.96
C SER B 133 -9.37 5.39 24.31
N PHE B 134 -9.65 4.12 23.94
CA PHE B 134 -8.59 3.11 24.04
C PHE B 134 -7.36 3.42 23.23
N ALA B 135 -7.56 3.81 21.95
CA ALA B 135 -6.45 4.20 21.04
C ALA B 135 -5.62 5.34 21.67
N LEU B 136 -6.33 6.29 22.23
CA LEU B 136 -5.67 7.40 22.96
C LEU B 136 -4.90 7.01 24.22
N ASP B 137 -5.46 6.16 25.05
CA ASP B 137 -4.71 5.60 26.19
C ASP B 137 -3.46 4.91 25.72
N TYR B 138 -3.60 4.01 24.73
CA TYR B 138 -2.40 3.43 24.15
C TYR B 138 -1.33 4.52 23.73
N ALA B 139 -1.78 5.46 22.95
CA ALA B 139 -0.90 6.49 22.39
C ALA B 139 -0.17 7.35 23.45
N ILE B 140 -0.85 7.62 24.53
CA ILE B 140 -0.32 8.43 25.63
C ILE B 140 0.86 7.73 26.27
N GLU B 141 0.72 6.44 26.54
CA GLU B 141 1.80 5.65 27.14
C GLU B 141 2.93 5.37 26.14
N LYS B 142 2.60 5.35 24.85
CA LYS B 142 3.65 5.21 23.84
C LYS B 142 4.55 6.47 23.78
N ILE B 143 4.02 7.62 24.17
CA ILE B 143 4.77 8.90 24.13
C ILE B 143 5.46 9.28 25.47
N GLN B 144 4.82 8.97 26.59
CA GLN B 144 5.30 9.29 27.93
C GLN B 144 5.78 8.03 28.68
N PRO B 145 7.10 7.94 29.01
CA PRO B 145 7.63 6.93 29.91
C PRO B 145 8.02 7.58 31.22
N SER C 1 -1.70 25.07 -23.37
CA SER C 1 -0.53 24.13 -23.13
C SER C 1 -0.42 23.14 -24.30
N THR C 2 0.78 22.72 -24.66
CA THR C 2 0.92 21.65 -25.69
C THR C 2 0.97 20.30 -24.95
N ILE C 3 1.92 20.17 -24.01
CA ILE C 3 2.04 19.03 -23.12
C ILE C 3 1.77 19.38 -21.63
N LEU C 4 0.97 18.55 -20.94
CA LEU C 4 0.66 18.79 -19.55
C LEU C 4 1.21 17.61 -18.79
N VAL C 5 1.98 17.93 -17.72
CA VAL C 5 2.37 16.95 -16.75
C VAL C 5 1.53 16.99 -15.51
N ILE C 6 0.90 15.86 -15.18
CA ILE C 6 0.08 15.70 -13.99
C ILE C 6 0.75 14.74 -13.00
N HIS C 7 0.92 15.20 -11.76
CA HIS C 7 1.39 14.38 -10.65
C HIS C 7 0.23 14.20 -9.69
N GLY C 8 -0.03 12.97 -9.27
CA GLY C 8 -1.07 12.73 -8.36
C GLY C 8 -0.72 12.90 -6.89
N PRO C 9 -1.58 12.35 -6.05
CA PRO C 9 -1.42 12.60 -4.60
C PRO C 9 -0.15 12.15 -3.99
N ASN C 10 0.26 12.89 -2.96
CA ASN C 10 1.44 12.56 -2.20
C ASN C 10 2.79 12.82 -2.89
N LEU C 11 2.83 13.11 -4.21
CA LEU C 11 4.13 13.41 -4.90
C LEU C 11 4.72 14.76 -4.47
N ASN C 12 3.90 15.60 -3.88
CA ASN C 12 4.45 16.79 -3.11
C ASN C 12 5.45 16.45 -1.99
N LEU C 13 5.36 15.29 -1.47
CA LEU C 13 6.30 14.85 -0.43
C LEU C 13 7.68 14.46 -0.86
N LEU C 14 7.95 14.36 -2.17
CA LEU C 14 9.19 13.84 -2.60
C LEU C 14 10.35 14.68 -2.04
N GLY C 15 11.38 14.06 -1.51
CA GLY C 15 12.52 14.78 -0.94
C GLY C 15 12.33 15.14 0.52
N LYS C 16 11.12 15.02 1.04
CA LYS C 16 10.90 15.34 2.44
C LYS C 16 10.61 14.07 3.22
N ARG C 17 9.95 13.09 2.64
CA ARG C 17 9.97 11.83 3.33
C ARG C 17 11.42 11.38 3.40
N GLU C 18 11.98 11.46 4.61
CA GLU C 18 13.28 10.86 5.02
C GLU C 18 14.49 10.93 4.07
N PRO C 19 15.10 12.11 3.91
CA PRO C 19 16.20 12.20 2.94
C PRO C 19 17.37 11.15 2.95
N GLU C 20 17.86 10.65 4.07
CA GLU C 20 18.96 9.65 4.05
C GLU C 20 18.54 8.36 3.33
N VAL C 21 17.35 7.85 3.69
CA VAL C 21 16.74 6.72 3.01
C VAL C 21 16.36 7.15 1.59
N TYR C 22 15.36 8.03 1.43
CA TYR C 22 14.77 8.28 0.11
C TYR C 22 15.47 9.25 -0.84
N GLY C 23 16.19 10.22 -0.33
CA GLY C 23 16.89 11.16 -1.20
C GLY C 23 16.25 12.51 -1.18
N HIS C 24 16.92 13.41 -1.84
CA HIS C 24 16.58 14.80 -1.76
C HIS C 24 15.84 15.28 -3.01
N LEU C 25 15.64 14.41 -4.01
CA LEU C 25 14.93 14.85 -5.18
C LEU C 25 13.44 15.24 -4.84
N THR C 26 13.07 16.48 -5.22
CA THR C 26 11.79 17.07 -4.95
C THR C 26 10.88 17.11 -6.21
N LEU C 27 9.58 17.39 -6.00
CA LEU C 27 8.69 17.59 -7.14
C LEU C 27 9.10 18.80 -8.02
N ASP C 28 9.53 19.86 -7.34
CA ASP C 28 10.07 21.05 -8.07
C ASP C 28 11.26 20.75 -8.98
N ASN C 29 12.15 19.88 -8.51
CA ASN C 29 13.27 19.44 -9.31
C ASN C 29 12.83 18.75 -10.55
N ILE C 30 11.82 17.89 -10.42
CA ILE C 30 11.29 17.21 -11.53
C ILE C 30 10.68 18.17 -12.57
N ASN C 31 9.94 19.12 -12.06
CA ASN C 31 9.18 20.01 -12.90
C ASN C 31 10.16 20.90 -13.63
N ARG C 32 11.20 21.32 -12.93
CA ARG C 32 12.21 22.22 -13.59
C ARG C 32 12.91 21.48 -14.67
N GLN C 33 13.23 20.18 -14.47
CA GLN C 33 13.93 19.43 -15.49
C GLN C 33 13.09 19.34 -16.73
N LEU C 34 11.85 18.96 -16.53
CA LEU C 34 10.86 18.86 -17.62
C LEU C 34 10.67 20.18 -18.41
N ILE C 35 10.47 21.28 -17.68
CA ILE C 35 10.22 22.59 -18.31
C ILE C 35 11.42 22.95 -19.20
N ALA C 36 12.64 22.64 -18.75
CA ALA C 36 13.86 23.01 -19.45
C ALA C 36 14.02 22.18 -20.68
N GLN C 37 13.53 20.95 -20.58
CA GLN C 37 13.67 19.97 -21.67
C GLN C 37 12.73 20.38 -22.75
N ALA C 38 11.54 20.81 -22.36
CA ALA C 38 10.59 21.28 -23.25
C ALA C 38 11.00 22.69 -23.77
N GLU C 39 11.62 23.55 -22.97
CA GLU C 39 12.02 24.89 -23.45
C GLU C 39 13.01 24.66 -24.57
N GLN C 40 13.90 23.67 -24.40
CA GLN C 40 14.89 23.36 -25.41
C GLN C 40 14.32 22.93 -26.75
N ALA C 41 13.26 22.14 -26.75
CA ALA C 41 12.63 21.70 -27.99
C ALA C 41 11.57 22.68 -28.55
N SER C 42 11.49 23.85 -27.96
CA SER C 42 10.52 24.87 -28.33
C SER C 42 9.14 24.37 -28.04
N ILE C 43 8.96 23.81 -26.83
CA ILE C 43 7.69 23.15 -26.45
C ILE C 43 7.31 23.82 -25.14
N THR C 44 6.03 24.15 -25.01
CA THR C 44 5.51 24.72 -23.79
C THR C 44 4.91 23.56 -23.00
N LEU C 45 5.23 23.57 -21.71
CA LEU C 45 4.79 22.53 -20.83
C LEU C 45 4.14 23.11 -19.58
N ASP C 46 2.98 22.59 -19.17
CA ASP C 46 2.48 22.91 -17.85
C ASP C 46 2.47 21.67 -16.99
N THR C 47 2.42 21.91 -15.66
CA THR C 47 2.53 20.89 -14.65
C THR C 47 1.43 21.17 -13.67
N PHE C 48 1.01 20.14 -13.00
CA PHE C 48 -0.03 20.27 -12.03
C PHE C 48 0.15 19.13 -11.06
N GLN C 49 0.05 19.37 -9.81
CA GLN C 49 -0.08 18.28 -8.82
C GLN C 49 -1.21 18.56 -7.83
N SER C 50 -1.97 17.55 -7.40
CA SER C 50 -2.86 17.76 -6.30
C SER C 50 -3.07 16.44 -5.59
N ASN C 51 -3.47 16.56 -4.35
CA ASN C 51 -3.93 15.45 -3.53
C ASN C 51 -5.37 15.14 -3.63
N TRP C 52 -6.07 15.94 -4.43
CA TRP C 52 -7.52 15.85 -4.57
C TRP C 52 -7.88 15.39 -5.96
N GLU C 53 -8.53 14.21 -6.05
CA GLU C 53 -8.90 13.59 -7.30
C GLU C 53 -9.74 14.51 -8.20
N GLY C 54 -10.71 15.21 -7.64
CA GLY C 54 -11.57 16.11 -8.47
C GLY C 54 -10.83 17.31 -9.08
N ALA C 55 -9.82 17.79 -8.42
CA ALA C 55 -8.94 18.89 -9.01
C ALA C 55 -8.21 18.35 -10.21
N ILE C 56 -7.80 17.07 -10.14
CA ILE C 56 -7.07 16.47 -11.26
C ILE C 56 -8.04 16.21 -12.39
N VAL C 57 -9.25 15.73 -12.09
CA VAL C 57 -10.28 15.57 -13.12
C VAL C 57 -10.56 16.94 -13.75
N ASP C 58 -10.86 17.94 -12.97
CA ASP C 58 -11.15 19.29 -13.57
C ASP C 58 -9.95 19.77 -14.35
N ARG C 59 -8.70 19.58 -13.84
CA ARG C 59 -7.52 19.97 -14.63
C ARG C 59 -7.43 19.28 -16.00
N ILE C 60 -7.79 18.02 -16.06
CA ILE C 60 -7.86 17.31 -17.31
C ILE C 60 -8.94 17.87 -18.29
N HIS C 61 -10.11 18.13 -17.74
CA HIS C 61 -11.19 18.83 -18.46
C HIS C 61 -10.68 20.19 -19.07
N GLN C 62 -9.87 20.90 -18.31
CA GLN C 62 -9.35 22.22 -18.73
C GLN C 62 -8.38 22.05 -19.87
N ALA C 63 -7.52 21.03 -19.80
CA ALA C 63 -6.60 20.68 -20.90
C ALA C 63 -7.26 20.53 -22.26
N GLN C 64 -8.47 19.98 -22.29
CA GLN C 64 -9.22 19.87 -23.56
C GLN C 64 -9.55 21.26 -24.10
N THR C 65 -9.93 22.19 -23.21
CA THR C 65 -10.21 23.61 -23.58
C THR C 65 -8.92 24.40 -23.88
N GLU C 66 -7.82 24.08 -23.24
CA GLU C 66 -6.55 24.72 -23.54
C GLU C 66 -5.87 24.17 -24.82
N GLY C 67 -6.43 23.14 -25.47
CA GLY C 67 -5.74 22.51 -26.63
C GLY C 67 -4.48 21.65 -26.31
N VAL C 68 -4.46 21.01 -25.15
CA VAL C 68 -3.33 20.16 -24.84
C VAL C 68 -3.38 18.93 -25.77
N LYS C 69 -2.22 18.54 -26.28
CA LYS C 69 -2.10 17.43 -27.26
C LYS C 69 -1.62 16.10 -26.62
N LEU C 70 -1.02 16.14 -25.43
CA LEU C 70 -0.63 14.94 -24.72
C LEU C 70 -0.43 15.18 -23.25
N ILE C 71 -0.83 14.19 -22.47
CA ILE C 71 -0.59 14.20 -21.06
C ILE C 71 0.43 13.16 -20.68
N ILE C 72 1.34 13.59 -19.80
CA ILE C 72 2.25 12.75 -19.05
C ILE C 72 1.72 12.75 -17.65
N ILE C 73 1.34 11.58 -17.16
CA ILE C 73 0.65 11.44 -15.86
C ILE C 73 1.26 10.39 -14.97
N ASN C 74 1.61 10.82 -13.76
CA ASN C 74 2.01 9.96 -12.62
C ASN C 74 0.83 10.03 -11.59
N PRO C 75 -0.09 9.09 -11.71
CA PRO C 75 -1.32 9.11 -10.99
C PRO C 75 -1.10 8.74 -9.54
N ALA C 76 0.09 8.25 -9.23
CA ALA C 76 0.44 7.96 -7.89
C ALA C 76 -0.58 6.84 -7.45
N ALA C 77 -1.09 6.91 -6.24
CA ALA C 77 -2.08 5.90 -5.73
C ALA C 77 -3.38 5.83 -6.54
N LEU C 78 -3.76 6.93 -7.18
CA LEU C 78 -4.98 6.94 -7.99
C LEU C 78 -4.91 6.02 -9.21
N THR C 79 -3.70 5.56 -9.59
CA THR C 79 -3.66 4.60 -10.68
C THR C 79 -4.44 3.30 -10.28
N HIS C 80 -4.48 3.00 -9.01
CA HIS C 80 -5.02 1.72 -8.52
C HIS C 80 -6.48 1.81 -8.16
N THR C 81 -7.04 3.00 -8.11
CA THR C 81 -8.40 3.27 -7.50
C THR C 81 -9.34 4.13 -8.33
N SER C 82 -8.83 4.93 -9.28
CA SER C 82 -9.65 5.97 -9.85
C SER C 82 -10.16 5.64 -11.25
N VAL C 83 -11.38 5.12 -11.33
CA VAL C 83 -12.12 5.09 -12.63
C VAL C 83 -12.38 6.49 -13.17
N ALA C 84 -12.55 7.45 -12.27
CA ALA C 84 -12.88 8.85 -12.70
C ALA C 84 -11.81 9.46 -13.54
N LEU C 85 -10.54 9.18 -13.20
CA LEU C 85 -9.38 9.68 -13.95
C LEU C 85 -9.38 8.98 -15.26
N ARG C 86 -9.73 7.69 -15.27
CA ARG C 86 -9.64 7.01 -16.52
C ARG C 86 -10.75 7.67 -17.41
N ASP C 87 -11.96 7.77 -16.85
CA ASP C 87 -13.06 8.39 -17.59
C ASP C 87 -12.75 9.79 -18.04
N ALA C 88 -12.07 10.54 -17.21
CA ALA C 88 -11.62 11.89 -17.73
C ALA C 88 -10.72 11.90 -18.93
N LEU C 89 -9.73 11.05 -18.89
CA LEU C 89 -8.76 11.00 -19.97
C LEU C 89 -9.40 10.49 -21.22
N LEU C 90 -10.29 9.52 -21.08
CA LEU C 90 -11.01 9.04 -22.27
C LEU C 90 -11.98 10.07 -22.76
N GLY C 91 -12.59 10.79 -21.86
CA GLY C 91 -13.64 11.69 -22.21
C GLY C 91 -13.09 12.84 -23.02
N VAL C 92 -11.88 13.29 -22.67
CA VAL C 92 -11.25 14.37 -23.40
C VAL C 92 -10.47 13.89 -24.60
N ALA C 93 -10.31 12.57 -24.76
CA ALA C 93 -9.59 11.99 -25.89
C ALA C 93 -8.15 12.60 -26.15
N ILE C 94 -7.38 12.86 -25.09
CA ILE C 94 -5.99 13.25 -25.18
C ILE C 94 -5.10 12.02 -24.86
N PRO C 95 -4.21 11.65 -25.76
CA PRO C 95 -3.34 10.50 -25.45
C PRO C 95 -2.46 10.72 -24.22
N PHE C 96 -2.12 9.65 -23.51
CA PHE C 96 -1.25 9.83 -22.31
C PHE C 96 -0.23 8.71 -22.18
N ILE C 97 0.88 9.07 -21.61
CA ILE C 97 1.82 8.18 -21.09
C ILE C 97 1.76 8.18 -19.55
N GLU C 98 1.81 6.98 -18.96
CA GLU C 98 1.79 6.78 -17.54
C GLU C 98 3.20 6.55 -17.03
N VAL C 99 3.59 7.23 -15.97
CA VAL C 99 4.95 7.13 -15.41
C VAL C 99 4.81 6.86 -13.93
N HIS C 100 5.54 5.88 -13.40
CA HIS C 100 5.74 5.69 -11.98
C HIS C 100 7.22 5.79 -11.66
N LEU C 101 7.54 6.38 -10.50
CA LEU C 101 8.95 6.50 -10.06
C LEU C 101 9.51 5.17 -9.65
N SER C 102 8.69 4.43 -8.89
CA SER C 102 9.11 3.19 -8.33
C SER C 102 8.69 2.03 -9.24
N ASN C 103 9.47 0.98 -9.22
CA ASN C 103 9.04 -0.26 -9.84
C ASN C 103 7.77 -0.84 -9.10
N VAL C 104 6.60 -0.57 -9.60
CA VAL C 104 5.36 -1.03 -8.98
C VAL C 104 5.19 -2.58 -8.85
N HIS C 105 5.75 -3.32 -9.80
CA HIS C 105 5.71 -4.81 -9.80
C HIS C 105 6.55 -5.41 -8.68
N ALA C 106 7.44 -4.63 -8.09
CA ALA C 106 8.19 -5.16 -6.95
C ALA C 106 7.54 -4.89 -5.61
N ARG C 107 6.38 -4.22 -5.60
CA ARG C 107 5.73 -3.81 -4.33
C ARG C 107 4.51 -4.65 -4.10
N GLU C 108 3.56 -4.17 -3.28
CA GLU C 108 2.35 -4.97 -2.89
C GLU C 108 1.58 -5.28 -4.16
N ALA C 109 0.85 -6.41 -4.11
CA ALA C 109 0.16 -6.94 -5.23
C ALA C 109 -0.94 -5.96 -5.78
N PHE C 110 -1.53 -5.14 -4.91
CA PHE C 110 -2.55 -4.15 -5.38
C PHE C 110 -1.94 -3.09 -6.22
N ARG C 111 -0.63 -2.84 -6.07
CA ARG C 111 0.01 -1.84 -6.86
C ARG C 111 0.21 -2.31 -8.31
N HIS C 112 -0.06 -3.57 -8.60
CA HIS C 112 0.20 -4.11 -9.91
C HIS C 112 -0.99 -3.83 -10.80
N HIS C 113 -2.23 -3.50 -10.28
CA HIS C 113 -3.40 -3.22 -11.18
C HIS C 113 -3.64 -1.73 -11.33
N SER C 114 -4.06 -1.33 -12.53
CA SER C 114 -4.27 0.05 -12.87
C SER C 114 -5.55 0.25 -13.66
N TYR C 115 -6.23 1.35 -13.34
CA TYR C 115 -7.28 1.78 -14.20
C TYR C 115 -6.89 2.57 -15.41
N LEU C 116 -5.63 2.87 -15.59
CA LEU C 116 -5.21 3.60 -16.72
C LEU C 116 -4.41 2.89 -17.76
N SER C 117 -3.56 1.96 -17.36
CA SER C 117 -2.44 1.52 -18.28
C SER C 117 -2.87 0.98 -19.57
N ASP C 118 -4.04 0.30 -19.52
CA ASP C 118 -4.55 -0.25 -20.75
C ASP C 118 -4.97 0.81 -21.72
N LYS C 119 -5.18 2.07 -21.30
CA LYS C 119 -5.48 3.13 -22.30
C LYS C 119 -4.35 4.06 -22.63
N ALA C 120 -3.23 3.86 -21.93
CA ALA C 120 -2.03 4.68 -22.17
C ALA C 120 -1.35 4.27 -23.47
N ILE C 121 -0.69 5.22 -24.14
CA ILE C 121 0.24 4.84 -25.19
C ILE C 121 1.30 3.84 -24.62
N GLY C 122 1.77 4.11 -23.41
CA GLY C 122 2.82 3.31 -22.83
C GLY C 122 2.98 3.69 -21.38
N VAL C 123 3.81 2.87 -20.71
CA VAL C 123 4.05 3.00 -19.26
C VAL C 123 5.55 2.86 -19.06
N ILE C 124 6.08 3.65 -18.15
CA ILE C 124 7.42 3.58 -17.65
C ILE C 124 7.37 3.52 -16.12
N CYS C 125 8.03 2.55 -15.51
CA CYS C 125 8.13 2.55 -14.11
C CYS C 125 9.47 2.12 -13.65
N GLY C 126 9.88 2.69 -12.53
CA GLY C 126 11.06 2.24 -11.83
C GLY C 126 12.25 3.03 -12.17
N LEU C 127 12.16 3.93 -13.11
CA LEU C 127 13.38 4.67 -13.51
C LEU C 127 13.48 6.06 -12.88
N GLY C 128 12.86 6.22 -11.67
CA GLY C 128 12.94 7.50 -10.97
C GLY C 128 12.47 8.61 -11.84
N ALA C 129 12.95 9.83 -11.57
CA ALA C 129 12.66 11.05 -12.35
C ALA C 129 12.90 10.96 -13.85
N LYS C 130 13.91 10.21 -14.24
CA LYS C 130 14.21 10.02 -15.65
C LYS C 130 13.04 9.44 -16.45
N GLY C 131 12.11 8.74 -15.81
CA GLY C 131 10.94 8.15 -16.52
C GLY C 131 10.09 9.26 -17.08
N TYR C 132 9.98 10.33 -16.34
CA TYR C 132 9.28 11.46 -16.90
C TYR C 132 9.91 12.11 -18.14
N SER C 133 11.22 12.32 -18.04
CA SER C 133 12.05 12.82 -19.13
C SER C 133 11.95 11.92 -20.34
N PHE C 134 11.95 10.58 -20.14
CA PHE C 134 11.76 9.68 -21.34
C PHE C 134 10.38 9.85 -21.98
N ALA C 135 9.35 9.92 -21.15
CA ALA C 135 7.99 10.18 -21.66
C ALA C 135 7.91 11.50 -22.46
N LEU C 136 8.52 12.56 -21.91
CA LEU C 136 8.51 13.90 -22.57
C LEU C 136 9.26 13.76 -23.89
N ASP C 137 10.39 13.10 -23.88
CA ASP C 137 11.11 12.82 -25.14
C ASP C 137 10.25 12.20 -26.24
N TYR C 138 9.52 11.14 -25.91
CA TYR C 138 8.60 10.45 -26.77
C TYR C 138 7.53 11.39 -27.17
N ALA C 139 6.96 12.11 -26.19
CA ALA C 139 5.92 13.03 -26.49
C ALA C 139 6.36 14.18 -27.51
N ILE C 140 7.53 14.72 -27.31
CA ILE C 140 8.04 15.81 -28.18
C ILE C 140 8.17 15.37 -29.62
N GLU C 141 8.67 14.16 -29.83
CA GLU C 141 8.83 13.57 -31.12
C GLU C 141 7.52 13.13 -31.76
N LYS C 142 6.50 12.81 -30.97
CA LYS C 142 5.22 12.47 -31.53
C LYS C 142 4.55 13.68 -32.13
N ILE C 143 4.47 14.76 -31.36
CA ILE C 143 3.82 15.97 -31.84
C ILE C 143 4.61 16.65 -32.96
N GLN C 144 5.94 16.66 -32.86
CA GLN C 144 6.88 17.19 -33.88
C GLN C 144 7.77 16.14 -34.57
N PRO C 145 7.24 15.41 -35.57
CA PRO C 145 8.12 14.45 -36.29
C PRO C 145 9.07 15.12 -37.27
N SER D 1 32.31 -6.10 -23.66
CA SER D 1 31.12 -5.19 -23.80
C SER D 1 30.44 -4.89 -22.42
N THR D 2 30.21 -3.63 -22.09
CA THR D 2 29.82 -3.24 -20.74
C THR D 2 28.28 -3.40 -20.54
N ILE D 3 27.54 -3.26 -21.61
CA ILE D 3 26.09 -3.33 -21.63
C ILE D 3 25.70 -4.33 -22.76
N LEU D 4 24.86 -5.29 -22.39
CA LEU D 4 24.36 -6.28 -23.29
C LEU D 4 22.83 -6.10 -23.44
N VAL D 5 22.42 -6.12 -24.69
CA VAL D 5 21.06 -6.01 -25.14
C VAL D 5 20.59 -7.36 -25.65
N ILE D 6 19.55 -7.90 -24.98
CA ILE D 6 18.96 -9.20 -25.33
C ILE D 6 17.57 -9.05 -25.88
N HIS D 7 17.33 -9.68 -27.02
CA HIS D 7 16.04 -9.67 -27.68
C HIS D 7 15.53 -11.10 -27.70
N GLY D 8 14.29 -11.32 -27.28
CA GLY D 8 13.74 -12.69 -27.19
C GLY D 8 13.14 -13.21 -28.47
N PRO D 9 12.38 -14.28 -28.37
CA PRO D 9 11.85 -14.89 -29.54
C PRO D 9 10.92 -14.03 -30.41
N ASN D 10 10.95 -14.26 -31.72
CA ASN D 10 10.10 -13.65 -32.71
C ASN D 10 10.53 -12.25 -33.10
N LEU D 11 11.45 -11.66 -32.36
CA LEU D 11 11.77 -10.26 -32.53
C LEU D 11 12.64 -10.12 -33.80
N ASN D 12 13.11 -11.22 -34.36
CA ASN D 12 13.84 -11.20 -35.71
C ASN D 12 12.87 -10.87 -36.80
N LEU D 13 11.55 -10.98 -36.55
CA LEU D 13 10.57 -10.65 -37.56
C LEU D 13 10.23 -9.18 -37.76
N LEU D 14 10.76 -8.35 -36.91
CA LEU D 14 10.29 -7.03 -36.71
C LEU D 14 9.99 -6.20 -37.97
N GLY D 15 10.60 -6.49 -39.08
CA GLY D 15 10.11 -5.80 -40.31
C GLY D 15 8.60 -5.92 -40.60
N LYS D 16 8.13 -7.15 -40.77
CA LYS D 16 6.77 -7.40 -41.26
C LYS D 16 5.66 -7.22 -40.22
N ARG D 17 4.53 -7.89 -40.47
CA ARG D 17 3.36 -7.85 -39.64
C ARG D 17 3.40 -8.90 -38.50
N GLU D 18 2.87 -8.56 -37.33
CA GLU D 18 2.00 -7.41 -37.22
C GLU D 18 2.80 -6.17 -36.83
N PRO D 19 2.84 -5.21 -37.76
CA PRO D 19 3.51 -3.95 -37.56
C PRO D 19 2.79 -3.00 -36.60
N GLU D 20 1.47 -2.97 -36.67
CA GLU D 20 0.66 -2.05 -35.89
C GLU D 20 0.89 -2.20 -34.38
N VAL D 21 1.71 -3.19 -33.99
CA VAL D 21 2.07 -3.45 -32.61
C VAL D 21 3.48 -2.94 -32.28
N TYR D 22 4.08 -2.18 -33.23
CA TYR D 22 5.40 -1.45 -33.15
C TYR D 22 6.71 -2.22 -33.44
N GLY D 23 7.03 -2.30 -34.70
CA GLY D 23 6.53 -1.31 -35.62
C GLY D 23 7.00 -1.63 -37.02
N HIS D 24 7.24 -0.61 -37.82
CA HIS D 24 7.75 -0.80 -39.16
C HIS D 24 9.24 -1.05 -39.17
N LEU D 25 9.97 -0.54 -38.19
CA LEU D 25 11.45 -0.79 -38.09
C LEU D 25 11.81 -2.27 -37.91
N THR D 26 13.01 -2.63 -38.32
CA THR D 26 13.56 -4.01 -38.25
C THR D 26 14.54 -4.11 -37.13
N LEU D 27 14.87 -5.33 -36.72
CA LEU D 27 15.81 -5.50 -35.58
C LEU D 27 17.20 -4.97 -35.85
N ASP D 28 17.72 -5.26 -37.06
CA ASP D 28 19.06 -4.85 -37.44
C ASP D 28 19.11 -3.34 -37.28
N ASN D 29 18.05 -2.65 -37.69
CA ASN D 29 17.99 -1.17 -37.48
C ASN D 29 18.00 -0.70 -36.03
N ILE D 30 17.26 -1.43 -35.18
CA ILE D 30 17.22 -1.09 -33.78
C ILE D 30 18.61 -1.20 -33.23
N ASN D 31 19.29 -2.29 -33.56
CA ASN D 31 20.59 -2.62 -32.93
C ASN D 31 21.65 -1.70 -33.50
N ARG D 32 21.42 -1.22 -34.70
CA ARG D 32 22.36 -0.21 -35.32
C ARG D 32 22.29 1.17 -34.60
N GLN D 33 21.08 1.62 -34.25
CA GLN D 33 20.89 2.87 -33.48
C GLN D 33 21.49 2.80 -32.07
N LEU D 34 21.39 1.63 -31.44
CA LEU D 34 21.80 1.45 -30.04
C LEU D 34 23.37 1.38 -29.98
N ILE D 35 23.94 0.71 -30.97
CA ILE D 35 25.39 0.61 -31.12
C ILE D 35 25.91 2.04 -31.25
N ALA D 36 25.31 2.84 -32.16
CA ALA D 36 25.74 4.27 -32.39
C ALA D 36 25.58 5.06 -31.09
N GLN D 37 24.35 5.10 -30.54
CA GLN D 37 24.14 5.78 -29.26
C GLN D 37 25.18 5.40 -28.23
N ALA D 38 25.56 4.13 -28.18
CA ALA D 38 26.54 3.70 -27.19
C ALA D 38 27.96 4.16 -27.63
N GLU D 39 28.25 4.22 -28.93
CA GLU D 39 29.54 4.81 -29.39
C GLU D 39 29.71 6.28 -28.94
N GLN D 40 28.76 7.14 -29.26
CA GLN D 40 28.81 8.54 -28.87
C GLN D 40 29.01 8.78 -27.38
N ALA D 41 28.68 7.79 -26.57
CA ALA D 41 28.99 7.83 -25.16
C ALA D 41 30.21 7.01 -24.70
N SER D 42 30.98 6.44 -25.60
CA SER D 42 32.16 5.58 -25.25
C SER D 42 31.90 4.28 -24.39
N ILE D 43 30.79 3.59 -24.64
CA ILE D 43 30.42 2.34 -23.96
C ILE D 43 30.49 1.27 -24.96
N THR D 44 30.95 0.10 -24.54
CA THR D 44 30.97 -1.02 -25.40
C THR D 44 29.62 -1.79 -25.18
N LEU D 45 28.86 -1.96 -26.25
CA LEU D 45 27.59 -2.67 -26.21
C LEU D 45 27.55 -3.88 -27.14
N ASP D 46 27.07 -5.05 -26.68
CA ASP D 46 26.74 -6.09 -27.58
C ASP D 46 25.24 -6.25 -27.68
N THR D 47 24.80 -7.00 -28.73
CA THR D 47 23.39 -7.37 -28.87
C THR D 47 23.26 -8.86 -29.13
N PHE D 48 22.09 -9.42 -28.78
CA PHE D 48 21.82 -10.86 -28.99
C PHE D 48 20.33 -11.10 -29.14
N GLN D 49 19.93 -11.89 -30.12
CA GLN D 49 18.58 -12.39 -30.25
C GLN D 49 18.60 -13.84 -30.49
N SER D 50 17.60 -14.54 -29.95
CA SER D 50 17.34 -15.93 -30.29
C SER D 50 15.91 -16.32 -30.02
N ASN D 51 15.50 -17.38 -30.68
CA ASN D 51 14.19 -17.99 -30.49
C ASN D 51 14.26 -19.14 -29.50
N TRP D 52 15.45 -19.42 -28.96
CA TRP D 52 15.61 -20.57 -28.11
C TRP D 52 15.97 -20.10 -26.73
N GLU D 53 15.13 -20.47 -25.79
CA GLU D 53 15.36 -20.05 -24.43
C GLU D 53 16.75 -20.43 -23.85
N GLY D 54 17.18 -21.70 -24.07
CA GLY D 54 18.53 -22.14 -23.62
C GLY D 54 19.67 -21.28 -24.12
N ALA D 55 19.54 -20.77 -25.34
CA ALA D 55 20.57 -19.88 -25.87
C ALA D 55 20.64 -18.54 -25.17
N ILE D 56 19.49 -18.05 -24.70
CA ILE D 56 19.48 -16.85 -23.94
C ILE D 56 20.05 -17.05 -22.59
N VAL D 57 19.72 -18.15 -21.96
CA VAL D 57 20.24 -18.46 -20.66
C VAL D 57 21.77 -18.62 -20.75
N ASP D 58 22.25 -19.37 -21.77
CA ASP D 58 23.71 -19.49 -22.06
C ASP D 58 24.35 -18.15 -22.21
N ARG D 59 23.68 -17.31 -22.99
CA ARG D 59 24.21 -15.95 -23.23
C ARG D 59 24.34 -15.05 -21.98
N ILE D 60 23.37 -15.14 -21.11
CA ILE D 60 23.38 -14.43 -19.83
C ILE D 60 24.52 -14.99 -18.96
N HIS D 61 24.70 -16.30 -18.94
CA HIS D 61 25.86 -16.94 -18.22
C HIS D 61 27.20 -16.42 -18.68
N GLN D 62 27.39 -16.31 -19.99
CA GLN D 62 28.66 -15.84 -20.54
C GLN D 62 28.84 -14.39 -20.20
N ALA D 63 27.71 -13.65 -20.07
CA ALA D 63 27.77 -12.23 -19.72
C ALA D 63 28.43 -12.07 -18.39
N GLN D 64 28.16 -12.99 -17.47
CA GLN D 64 28.81 -12.92 -16.22
C GLN D 64 30.34 -12.96 -16.44
N THR D 65 30.79 -13.92 -17.25
CA THR D 65 32.22 -14.19 -17.38
C THR D 65 32.93 -13.07 -18.15
N GLU D 66 32.20 -12.34 -18.98
CA GLU D 66 32.73 -11.23 -19.78
C GLU D 66 32.70 -9.87 -19.02
N GLY D 67 32.10 -9.85 -17.83
CA GLY D 67 32.09 -8.68 -16.98
C GLY D 67 31.01 -7.65 -17.32
N VAL D 68 29.89 -8.10 -17.85
CA VAL D 68 28.79 -7.18 -18.21
C VAL D 68 28.21 -6.54 -16.94
N LYS D 69 27.97 -5.25 -17.00
CA LYS D 69 27.52 -4.45 -15.87
C LYS D 69 26.02 -4.28 -15.78
N LEU D 70 25.36 -4.26 -16.93
CA LEU D 70 23.87 -4.13 -17.03
C LEU D 70 23.30 -4.83 -18.26
N ILE D 71 22.10 -5.40 -18.13
CA ILE D 71 21.43 -5.98 -19.32
C ILE D 71 20.14 -5.21 -19.59
N ILE D 72 19.87 -4.95 -20.87
CA ILE D 72 18.63 -4.44 -21.37
C ILE D 72 18.01 -5.61 -22.16
N ILE D 73 16.83 -6.02 -21.71
CA ILE D 73 16.19 -7.26 -22.22
C ILE D 73 14.77 -7.03 -22.60
N ASN D 74 14.51 -7.39 -23.84
CA ASN D 74 13.19 -7.62 -24.28
C ASN D 74 12.93 -9.08 -24.39
N PRO D 75 12.28 -9.67 -23.37
CA PRO D 75 12.22 -11.11 -23.41
C PRO D 75 11.11 -11.61 -24.32
N ALA D 76 10.27 -10.68 -24.84
CA ALA D 76 9.19 -11.05 -25.80
C ALA D 76 8.31 -12.13 -25.12
N ALA D 77 7.88 -13.14 -25.80
CA ALA D 77 7.03 -14.16 -25.17
C ALA D 77 7.56 -14.78 -23.88
N LEU D 78 8.89 -14.86 -23.72
CA LEU D 78 9.53 -15.43 -22.49
C LEU D 78 9.22 -14.69 -21.16
N THR D 79 8.87 -13.41 -21.27
CA THR D 79 8.42 -12.65 -20.15
C THR D 79 7.33 -13.37 -19.40
N HIS D 80 6.36 -13.95 -20.12
CA HIS D 80 5.19 -14.55 -19.47
C HIS D 80 5.37 -15.99 -19.06
N THR D 81 6.47 -16.67 -19.52
CA THR D 81 6.60 -18.10 -19.37
C THR D 81 7.92 -18.52 -18.69
N SER D 82 8.99 -17.78 -18.81
CA SER D 82 10.28 -18.34 -18.44
C SER D 82 10.75 -18.02 -17.03
N VAL D 83 10.61 -18.98 -16.14
CA VAL D 83 11.36 -18.87 -14.91
C VAL D 83 12.84 -19.13 -15.00
N ALA D 84 13.27 -19.87 -16.01
CA ALA D 84 14.69 -20.12 -16.24
C ALA D 84 15.39 -18.84 -16.50
N LEU D 85 14.76 -17.93 -17.17
CA LEU D 85 15.38 -16.69 -17.49
C LEU D 85 15.56 -15.78 -16.28
N ARG D 86 14.53 -15.73 -15.46
CA ARG D 86 14.55 -15.06 -14.18
C ARG D 86 15.68 -15.58 -13.34
N ASP D 87 15.74 -16.90 -13.20
CA ASP D 87 16.80 -17.49 -12.39
C ASP D 87 18.20 -17.25 -12.97
N ALA D 88 18.30 -17.06 -14.30
CA ALA D 88 19.56 -16.79 -14.94
C ALA D 88 20.02 -15.41 -14.62
N LEU D 89 19.16 -14.43 -14.78
CA LEU D 89 19.53 -13.04 -14.41
C LEU D 89 19.82 -12.81 -12.93
N LEU D 90 19.04 -13.46 -12.08
CA LEU D 90 19.30 -13.42 -10.64
C LEU D 90 20.55 -14.20 -10.29
N GLY D 91 20.82 -15.31 -10.98
CA GLY D 91 21.99 -16.10 -10.65
C GLY D 91 23.29 -15.40 -10.95
N VAL D 92 23.36 -14.67 -12.06
CA VAL D 92 24.61 -13.99 -12.36
C VAL D 92 24.62 -12.55 -11.78
N ALA D 93 23.53 -12.22 -11.11
CA ALA D 93 23.32 -10.98 -10.40
C ALA D 93 23.70 -9.74 -11.18
N ILE D 94 23.37 -9.70 -12.48
CA ILE D 94 23.57 -8.51 -13.25
C ILE D 94 22.30 -7.68 -13.30
N PRO D 95 22.35 -6.40 -12.96
CA PRO D 95 21.04 -5.65 -12.95
C PRO D 95 20.48 -5.45 -14.36
N PHE D 96 19.15 -5.36 -14.52
CA PHE D 96 18.55 -5.31 -15.84
C PHE D 96 17.32 -4.39 -15.94
N ILE D 97 17.06 -3.93 -17.14
CA ILE D 97 15.91 -3.16 -17.42
C ILE D 97 15.12 -3.98 -18.47
N GLU D 98 13.81 -4.03 -18.24
CA GLU D 98 12.88 -4.78 -19.04
C GLU D 98 12.25 -3.83 -20.00
N VAL D 99 12.28 -4.15 -21.30
CA VAL D 99 11.57 -3.39 -22.33
C VAL D 99 10.60 -4.17 -23.21
N HIS D 100 9.41 -3.66 -23.47
CA HIS D 100 8.54 -4.15 -24.48
C HIS D 100 8.15 -3.08 -25.45
N LEU D 101 8.08 -3.43 -26.70
CA LEU D 101 7.72 -2.50 -27.76
C LEU D 101 6.25 -2.10 -27.67
N SER D 102 5.39 -3.11 -27.40
CA SER D 102 3.92 -2.83 -27.28
C SER D 102 3.43 -2.64 -25.82
N ASN D 103 2.28 -1.98 -25.66
CA ASN D 103 1.70 -1.81 -24.33
C ASN D 103 0.97 -3.14 -23.99
N VAL D 104 1.70 -3.93 -23.24
CA VAL D 104 1.19 -5.26 -22.85
C VAL D 104 -0.08 -5.23 -22.04
N HIS D 105 -0.31 -4.16 -21.30
CA HIS D 105 -1.52 -4.02 -20.56
C HIS D 105 -2.70 -3.71 -21.36
N ALA D 106 -2.54 -3.34 -22.60
CA ALA D 106 -3.69 -3.21 -23.51
C ALA D 106 -3.99 -4.45 -24.29
N ARG D 107 -3.27 -5.54 -24.04
CA ARG D 107 -3.40 -6.76 -24.89
C ARG D 107 -4.07 -7.87 -24.08
N GLU D 108 -3.99 -9.12 -24.49
CA GLU D 108 -4.64 -10.21 -23.69
C GLU D 108 -4.16 -10.27 -22.25
N ALA D 109 -5.05 -10.69 -21.34
CA ALA D 109 -4.70 -10.86 -19.93
C ALA D 109 -3.37 -11.65 -19.61
N PHE D 110 -3.00 -12.69 -20.36
CA PHE D 110 -1.77 -13.44 -20.02
C PHE D 110 -0.52 -12.60 -20.21
N ARG D 111 -0.60 -11.61 -21.10
CA ARG D 111 0.53 -10.78 -21.36
C ARG D 111 0.75 -9.75 -20.18
N HIS D 112 -0.18 -9.64 -19.22
CA HIS D 112 -0.02 -8.64 -18.13
C HIS D 112 0.94 -9.21 -17.06
N HIS D 113 1.31 -10.52 -17.10
CA HIS D 113 2.23 -11.10 -16.08
C HIS D 113 3.63 -11.34 -16.61
N SER D 114 4.61 -11.10 -15.74
CA SER D 114 6.06 -11.12 -16.09
C SER D 114 6.83 -11.86 -15.01
N TYR D 115 7.67 -12.84 -15.35
CA TYR D 115 8.48 -13.47 -14.38
C TYR D 115 9.78 -12.68 -14.13
N LEU D 116 9.92 -11.54 -14.79
CA LEU D 116 11.08 -10.71 -14.68
C LEU D 116 10.80 -9.42 -14.00
N SER D 117 9.63 -8.85 -14.17
CA SER D 117 9.47 -7.41 -13.85
C SER D 117 9.73 -6.98 -12.40
N ASP D 118 9.36 -7.80 -11.44
CA ASP D 118 9.64 -7.51 -10.04
C ASP D 118 11.12 -7.42 -9.68
N LYS D 119 11.99 -7.97 -10.52
CA LYS D 119 13.42 -7.93 -10.21
C LYS D 119 14.17 -6.97 -11.08
N ALA D 120 13.46 -6.38 -12.06
CA ALA D 120 14.06 -5.41 -12.95
C ALA D 120 14.36 -4.12 -12.18
N ILE D 121 15.32 -3.32 -12.63
CA ILE D 121 15.42 -1.97 -12.07
C ILE D 121 14.10 -1.26 -12.44
N GLY D 122 13.74 -1.35 -13.70
CA GLY D 122 12.47 -0.81 -14.22
C GLY D 122 11.99 -1.46 -15.53
N VAL D 123 10.85 -0.98 -16.02
CA VAL D 123 10.20 -1.48 -17.17
C VAL D 123 9.68 -0.31 -18.02
N ILE D 124 9.92 -0.39 -19.31
CA ILE D 124 9.35 0.47 -20.31
C ILE D 124 8.52 -0.41 -21.26
N CYS D 125 7.25 -0.10 -21.42
CA CYS D 125 6.45 -0.73 -22.45
C CYS D 125 5.67 0.21 -23.23
N GLY D 126 5.53 -0.14 -24.48
CA GLY D 126 4.57 0.62 -25.34
C GLY D 126 5.14 1.78 -26.14
N LEU D 127 6.43 2.00 -26.03
CA LEU D 127 7.05 3.20 -26.68
C LEU D 127 7.81 2.85 -27.92
N GLY D 128 7.59 1.63 -28.43
CA GLY D 128 8.34 1.14 -29.57
C GLY D 128 9.83 0.96 -29.27
N ALA D 129 10.58 1.09 -30.35
CA ALA D 129 11.98 0.87 -30.32
C ALA D 129 12.66 1.94 -29.48
N LYS D 130 12.06 3.11 -29.34
CA LYS D 130 12.64 4.18 -28.47
C LYS D 130 12.82 3.74 -27.02
N GLY D 131 11.98 2.78 -26.57
CA GLY D 131 12.15 2.21 -25.18
C GLY D 131 13.55 1.60 -24.97
N TYR D 132 14.10 0.98 -26.01
CA TYR D 132 15.47 0.48 -25.92
C TYR D 132 16.48 1.65 -25.65
N SER D 133 16.31 2.71 -26.44
CA SER D 133 17.23 3.93 -26.39
C SER D 133 17.11 4.58 -25.01
N PHE D 134 15.87 4.66 -24.48
CA PHE D 134 15.71 5.07 -23.07
C PHE D 134 16.42 4.20 -22.09
N ALA D 135 16.19 2.91 -22.23
CA ALA D 135 16.79 1.98 -21.33
C ALA D 135 18.37 2.15 -21.32
N LEU D 136 18.92 2.31 -22.51
CA LEU D 136 20.39 2.51 -22.64
C LEU D 136 20.85 3.88 -22.07
N ASP D 137 20.05 4.92 -22.29
CA ASP D 137 20.36 6.30 -21.73
C ASP D 137 20.42 6.18 -20.18
N TYR D 138 19.41 5.55 -19.58
CA TYR D 138 19.46 5.32 -18.10
C TYR D 138 20.71 4.48 -17.75
N ALA D 139 20.93 3.43 -18.50
CA ALA D 139 22.00 2.49 -18.20
C ALA D 139 23.34 3.22 -18.26
N ILE D 140 23.53 4.03 -19.30
CA ILE D 140 24.78 4.84 -19.44
C ILE D 140 25.04 5.78 -18.26
N GLU D 141 24.04 6.51 -17.81
CA GLU D 141 24.17 7.29 -16.60
C GLU D 141 24.38 6.49 -15.30
N LYS D 142 23.81 5.29 -15.25
CA LYS D 142 24.01 4.41 -14.09
C LYS D 142 25.45 3.92 -13.99
N ILE D 143 26.12 3.71 -15.11
CA ILE D 143 27.51 3.23 -15.11
C ILE D 143 28.57 4.37 -15.28
N GLN D 144 28.14 5.55 -15.73
CA GLN D 144 28.99 6.74 -15.93
C GLN D 144 28.19 8.05 -15.73
N PRO D 145 28.18 8.59 -14.49
CA PRO D 145 27.50 9.87 -14.14
C PRO D 145 27.75 11.08 -15.07
NA NA E . -7.76 -7.05 13.82
C1 DQA F . -2.41 -14.29 17.89
C2 DQA F . -2.39 -14.13 16.36
C3 DQA F . -2.64 -15.43 15.62
O3 DQA F . -2.46 -15.35 14.18
C4 DQA F . -1.59 -16.41 16.04
O4 DQA F . -1.87 -17.73 15.47
C5 DQA F . -1.37 -16.50 17.51
C6 DQA F . -1.43 -15.32 18.40
C DQA F . -2.01 -13.08 18.69
O1 DQA F . -1.37 -12.17 18.05
O2 DQA F . -2.30 -13.02 19.95
O5 DQA F . -1.07 -17.55 18.00
O6 DQA F . -3.75 -14.61 18.24
NA NA G . -11.45 -5.11 12.73
C1 DQA H . -16.63 2.52 9.79
C2 DQA H . -16.90 1.22 9.04
C3 DQA H . -16.67 1.45 7.54
O3 DQA H . -16.82 0.28 6.69
C4 DQA H . -17.75 2.43 7.08
O4 DQA H . -17.50 2.75 5.71
C5 DQA H . -17.83 3.67 7.89
C6 DQA H . -17.52 3.69 9.35
C DQA H . -16.90 2.55 11.28
O1 DQA H . -16.44 3.56 11.99
O2 DQA H . -17.64 1.60 11.65
O5 DQA H . -18.22 4.71 7.38
O6 DQA H . -15.25 2.83 9.60
NA NA I . 5.10 -0.87 -14.87
C1 DQA J . 3.59 5.71 -7.64
C2 DQA J . 3.31 4.18 -7.58
C3 DQA J . 1.98 3.80 -6.96
O3 DQA J . 1.85 2.37 -6.64
C4 DQA J . 1.83 4.47 -5.60
O4 DQA J . 0.48 4.24 -5.09
C5 DQA J . 2.19 5.91 -5.58
C6 DQA J . 3.37 6.44 -6.32
C DQA J . 5.01 6.14 -8.04
O1 DQA J . 5.26 7.27 -8.60
O2 DQA J . 5.96 5.34 -7.75
O5 DQA J . 1.53 6.67 -4.91
O6 DQA J . 2.69 6.16 -8.62
NA NA K . 4.29 -2.38 -18.85
C1 DQA L . 6.50 -7.91 -26.63
C2 DQA L . 5.12 -8.21 -26.00
C3 DQA L . 5.02 -9.71 -25.65
O3 DQA L . 3.87 -10.09 -24.84
C4 DQA L . 5.05 -10.46 -27.00
O4 DQA L . 5.10 -11.85 -26.69
C5 DQA L . 6.24 -10.09 -27.82
C6 DQA L . 6.75 -8.68 -27.94
C DQA L . 6.74 -6.46 -27.00
O1 DQA L . 5.74 -5.70 -27.03
O2 DQA L . 7.95 -6.12 -27.30
O5 DQA L . 6.85 -10.91 -28.47
O6 DQA L . 7.50 -8.26 -25.66
#